data_5EI5
#
_entry.id   5EI5
#
_cell.length_a   111.280
_cell.length_b   111.280
_cell.length_c   136.740
_cell.angle_alpha   90.00
_cell.angle_beta   90.00
_cell.angle_gamma   120.00
#
_symmetry.space_group_name_H-M   'P 31 2 1'
#
loop_
_entity.id
_entity.type
_entity.pdbx_description
1 polymer Acetylcholinesterase
2 branched 2-acetamido-2-deoxy-beta-D-glucopyranose-(1-4)-2-acetamido-2-deoxy-beta-D-glucopyranose
3 non-polymer 2-acetamido-2-deoxy-beta-D-glucopyranose
4 non-polymer 'methanesulfonic acid'
5 non-polymer "N,N'-DI-1,2,3,4-TETRAHYDROACRIDIN-9-YLHEPTANE-1,7-DIAMINE"
6 water water
#
_entity_poly.entity_id   1
_entity_poly.type   'polypeptide(L)'
_entity_poly.pdbx_seq_one_letter_code
;DHSELLVNTKSGKVMGTRVPVLSSHISAFLGIPFAEPPVGNMRFRRPEPKKPWSGVWNASTYPNNCQQYVDEQFPGFSGS
EMWNPNREMSEDCLYLNIWVPSPRPKSTTVMVWIYGGGFYSGSSTLDVYNGKYLAYTEEVVLVSLSYRVGAFGFLALHGS
QEAPGNVGLLDQRMALQWVHDNIQFFGGDPKTVTIFGESAGGASVGMHILSPGSRDLFRRAILQSGSPNCPWASVSVAEG
RRRAVELGRNLNCNLNSDEELIHCLREKKPQELIDVEWNVLPFDSIFRFSFVPVIDGEFFPTSLESMLNSGNFKKTQILL
GVNKDEGSFFLLYGAPGFSKDSESKISREDFMSGVKLSVPHANDLGLDAVTLQYTDWMDDNNGIKNRDGLDDIVGDHNVI
CPLMHFVNKYTKFGNGTYLYFFNHRASNLVWPEWMGVIHGYEIEFVFGLPLVKELNYTAEEEALSRRIMHYWATFAKTGN
PNEPHSQESKWPLFTTKEQKFIDLNTEPMKVHQRLRVQMCVFWNQFLPKLLNAT
;
_entity_poly.pdbx_strand_id   A
#
loop_
_chem_comp.id
_chem_comp.type
_chem_comp.name
_chem_comp.formula
03S non-polymer 'methanesulfonic acid' 'C H4 O3 S'
AA7 non-polymer N,N'-DI-1,2,3,4-TETRAHYDROACRIDIN-9-YLHEPTANE-1,7-DIAMINE 'C33 H40 N4'
NAG D-saccharide, beta linking 2-acetamido-2-deoxy-beta-D-glucopyranose 'C8 H15 N O6'
#
# COMPACT_ATOMS: atom_id res chain seq x y z
N ASP A 1 -19.55 29.46 -14.74
CA ASP A 1 -19.27 28.85 -13.41
C ASP A 1 -20.17 29.60 -12.45
N HIS A 2 -20.30 29.08 -11.22
CA HIS A 2 -21.35 29.53 -10.34
C HIS A 2 -20.85 29.49 -8.87
N SER A 3 -20.62 28.31 -8.27
CA SER A 3 -20.16 28.23 -6.84
C SER A 3 -19.03 27.25 -6.48
N GLU A 4 -18.59 27.32 -5.23
CA GLU A 4 -17.40 26.61 -4.83
C GLU A 4 -17.47 25.08 -4.92
N LEU A 5 -18.68 24.51 -4.82
CA LEU A 5 -18.95 23.10 -4.78
C LEU A 5 -19.22 22.51 -6.14
N LEU A 6 -19.23 23.37 -7.15
CA LEU A 6 -19.53 22.95 -8.50
C LEU A 6 -18.25 23.07 -9.32
N VAL A 7 -17.84 21.97 -9.95
CA VAL A 7 -16.65 21.99 -10.77
C VAL A 7 -16.96 21.37 -12.09
N ASN A 8 -16.52 22.03 -13.13
CA ASN A 8 -16.76 21.48 -14.46
C ASN A 8 -15.50 20.80 -14.90
N THR A 9 -15.55 19.51 -15.18
CA THR A 9 -14.30 18.81 -15.53
C THR A 9 -14.42 18.39 -16.97
N LYS A 10 -13.38 17.80 -17.54
CA LYS A 10 -13.48 17.26 -18.90
C LYS A 10 -14.50 16.13 -19.07
N SER A 11 -14.89 15.45 -18.00
CA SER A 11 -15.89 14.35 -18.09
C SER A 11 -17.31 14.85 -17.80
N GLY A 12 -17.42 16.09 -17.34
CA GLY A 12 -18.71 16.67 -16.97
C GLY A 12 -18.62 17.39 -15.66
N LYS A 13 -19.76 17.91 -15.18
CA LYS A 13 -19.79 18.71 -13.98
C LYS A 13 -19.99 17.83 -12.77
N VAL A 14 -19.46 18.26 -11.66
CA VAL A 14 -19.46 17.49 -10.45
C VAL A 14 -19.91 18.45 -9.38
N MET A 15 -20.80 18.02 -8.48
CA MET A 15 -21.20 18.82 -7.29
C MET A 15 -20.74 18.16 -6.03
N GLY A 16 -19.93 18.87 -5.26
CA GLY A 16 -19.36 18.27 -4.10
C GLY A 16 -20.09 18.69 -2.85
N THR A 17 -19.44 18.56 -1.69
CA THR A 17 -20.10 18.91 -0.45
C THR A 17 -19.21 19.60 0.47
N ARG A 18 -19.74 20.47 1.33
CA ARG A 18 -18.89 21.23 2.25
C ARG A 18 -18.78 20.43 3.55
N VAL A 19 -17.55 20.21 4.05
CA VAL A 19 -17.32 19.30 5.15
C VAL A 19 -16.64 20.04 6.26
N PRO A 20 -17.10 19.84 7.50
CA PRO A 20 -16.42 20.42 8.63
C PRO A 20 -15.13 19.71 8.93
N VAL A 21 -14.13 20.45 9.38
CA VAL A 21 -12.88 19.88 9.77
C VAL A 21 -12.19 20.79 10.76
N LEU A 22 -11.96 20.30 11.97
CA LEU A 22 -11.24 21.06 12.99
C LEU A 22 -11.70 22.55 13.18
N SER A 23 -12.99 22.75 13.29
CA SER A 23 -13.55 24.13 13.53
C SER A 23 -13.69 24.98 12.27
N SER A 24 -13.35 24.40 11.12
CA SER A 24 -13.40 25.15 9.87
C SER A 24 -14.10 24.26 8.88
N HIS A 25 -13.90 24.48 7.58
CA HIS A 25 -14.64 23.68 6.60
C HIS A 25 -13.82 23.61 5.33
N ILE A 26 -14.04 22.55 4.52
CA ILE A 26 -13.45 22.45 3.20
C ILE A 26 -14.44 21.78 2.32
N SER A 27 -14.08 21.63 1.05
CA SER A 27 -14.96 21.00 0.12
C SER A 27 -14.51 19.58 -0.15
N ALA A 28 -15.46 18.74 -0.46
CA ALA A 28 -15.17 17.35 -0.71
C ALA A 28 -15.95 16.90 -1.88
N PHE A 29 -15.25 16.22 -2.80
CA PHE A 29 -15.88 15.68 -3.98
C PHE A 29 -15.64 14.20 -3.97
N LEU A 30 -16.69 13.52 -3.57
CA LEU A 30 -16.64 12.12 -3.19
C LEU A 30 -17.24 11.30 -4.25
N GLY A 31 -16.60 10.19 -4.59
CA GLY A 31 -17.24 9.27 -5.51
C GLY A 31 -17.33 9.71 -6.97
N ILE A 32 -16.29 10.38 -7.49
CA ILE A 32 -16.26 10.74 -8.87
C ILE A 32 -15.79 9.53 -9.73
N PRO A 33 -16.53 9.20 -10.79
CA PRO A 33 -16.10 8.08 -11.65
C PRO A 33 -14.92 8.33 -12.55
N PHE A 34 -13.96 7.40 -12.67
CA PHE A 34 -12.83 7.61 -13.53
C PHE A 34 -12.71 6.56 -14.61
N ALA A 35 -13.54 5.55 -14.56
CA ALA A 35 -13.58 4.49 -15.53
C ALA A 35 -15.03 4.02 -15.69
N GLU A 36 -15.33 3.34 -16.78
CA GLU A 36 -16.61 2.64 -16.92
C GLU A 36 -16.63 1.50 -15.85
N PRO A 37 -17.81 1.19 -15.29
CA PRO A 37 -17.94 0.01 -14.44
C PRO A 37 -17.38 -1.29 -15.02
N PRO A 38 -16.47 -1.96 -14.29
CA PRO A 38 -15.81 -3.09 -14.97
C PRO A 38 -16.57 -4.38 -14.67
N VAL A 39 -17.78 -4.43 -15.23
CA VAL A 39 -18.78 -5.39 -14.87
C VAL A 39 -19.10 -6.27 -16.06
N GLY A 40 -19.67 -7.44 -15.80
CA GLY A 40 -20.11 -8.35 -16.87
C GLY A 40 -18.92 -8.85 -17.65
N ASN A 41 -19.01 -8.72 -18.97
CA ASN A 41 -17.94 -9.08 -19.83
C ASN A 41 -16.68 -8.23 -19.67
N MET A 42 -16.75 -7.14 -18.93
CA MET A 42 -15.54 -6.37 -18.67
C MET A 42 -14.83 -6.82 -17.39
N ARG A 43 -15.39 -7.79 -16.68
CA ARG A 43 -14.61 -8.38 -15.55
C ARG A 43 -13.31 -8.98 -16.05
N PHE A 44 -12.27 -8.60 -15.33
CA PHE A 44 -10.88 -9.02 -15.56
C PHE A 44 -10.18 -8.25 -16.68
N ARG A 45 -10.97 -7.50 -17.44
CA ARG A 45 -10.45 -6.64 -18.51
C ARG A 45 -9.77 -5.34 -18.04
N ARG A 46 -8.91 -4.82 -18.90
CA ARG A 46 -8.39 -3.45 -18.67
C ARG A 46 -9.52 -2.48 -18.44
N PRO A 47 -9.28 -1.43 -17.65
CA PRO A 47 -10.35 -0.47 -17.45
C PRO A 47 -10.53 0.38 -18.77
N GLU A 48 -11.69 0.96 -18.96
CA GLU A 48 -11.96 1.87 -20.08
C GLU A 48 -12.29 3.22 -19.47
N PRO A 49 -11.90 4.31 -20.11
CA PRO A 49 -12.19 5.61 -19.55
C PRO A 49 -13.69 5.88 -19.39
N LYS A 50 -14.08 6.63 -18.37
CA LYS A 50 -15.46 6.89 -18.10
C LYS A 50 -16.00 7.81 -19.23
N LYS A 51 -17.09 7.41 -19.87
CA LYS A 51 -17.76 8.24 -20.83
C LYS A 51 -18.28 9.49 -20.14
N PRO A 52 -18.03 10.63 -20.77
CA PRO A 52 -18.51 11.85 -20.15
C PRO A 52 -20.02 11.90 -19.99
N TRP A 53 -20.46 12.65 -19.00
CA TRP A 53 -21.89 12.69 -18.65
C TRP A 53 -22.41 14.15 -18.77
N SER A 54 -23.72 14.30 -19.08
CA SER A 54 -24.45 15.56 -19.03
C SER A 54 -25.04 15.72 -17.66
N GLY A 55 -25.41 16.94 -17.28
CA GLY A 55 -25.93 17.15 -15.93
C GLY A 55 -24.79 17.18 -14.90
N VAL A 56 -25.18 17.17 -13.64
CA VAL A 56 -24.28 17.39 -12.55
C VAL A 56 -24.18 16.02 -11.79
N TRP A 57 -22.96 15.51 -11.68
CA TRP A 57 -22.69 14.28 -10.99
C TRP A 57 -22.73 14.66 -9.54
N ASN A 58 -23.38 14.08 -8.80
CA ASN A 58 -23.56 14.38 -7.37
C ASN A 58 -22.35 13.69 -6.66
N ALA A 59 -21.57 14.38 -6.07
CA ALA A 59 -20.36 13.84 -5.44
C ALA A 59 -20.34 14.23 -3.96
N SER A 60 -21.51 14.08 -3.31
CA SER A 60 -21.64 14.45 -1.89
C SER A 60 -21.39 13.23 -0.98
N THR A 61 -21.39 12.03 -1.55
CA THR A 61 -21.20 10.83 -0.78
C THR A 61 -20.20 9.81 -1.32
N TYR A 62 -19.62 9.09 -0.39
CA TYR A 62 -18.69 8.02 -0.70
C TYR A 62 -19.23 6.98 -1.68
N PRO A 63 -18.40 6.51 -2.59
CA PRO A 63 -18.73 5.45 -3.47
C PRO A 63 -18.75 4.05 -2.75
N ASN A 64 -19.29 3.06 -3.44
CA ASN A 64 -19.12 1.68 -3.11
C ASN A 64 -17.63 1.30 -3.05
N ASN A 65 -17.33 0.31 -2.23
CA ASN A 65 -16.01 -0.33 -2.20
C ASN A 65 -15.95 -1.50 -3.13
N CYS A 66 -14.75 -1.83 -3.63
CA CYS A 66 -14.59 -2.98 -4.50
C CYS A 66 -14.87 -4.30 -3.78
N GLN A 67 -15.21 -5.35 -4.55
CA GLN A 67 -15.60 -6.63 -4.02
C GLN A 67 -14.34 -7.21 -3.41
N GLN A 68 -14.45 -7.70 -2.17
CA GLN A 68 -13.28 -8.16 -1.44
C GLN A 68 -13.64 -9.08 -0.26
N TYR A 69 -12.66 -9.88 0.17
CA TYR A 69 -12.69 -10.64 1.42
C TYR A 69 -12.83 -9.70 2.58
N VAL A 70 -13.73 -10.00 3.52
CA VAL A 70 -14.01 -9.19 4.70
C VAL A 70 -13.50 -9.96 5.96
N ASP A 71 -12.64 -9.34 6.75
CA ASP A 71 -12.07 -9.92 7.98
C ASP A 71 -13.14 -10.03 9.03
N GLU A 72 -13.38 -11.21 9.56
CA GLU A 72 -14.32 -11.41 10.67
C GLU A 72 -13.61 -12.07 11.90
N GLN A 73 -12.28 -12.11 11.92
CA GLN A 73 -11.54 -12.65 13.05
C GLN A 73 -11.88 -12.07 14.40
N PHE A 74 -12.10 -10.78 14.50
CA PHE A 74 -12.45 -10.15 15.76
C PHE A 74 -13.67 -9.27 15.55
N PRO A 75 -14.87 -9.89 15.36
CA PRO A 75 -16.11 -9.15 15.04
C PRO A 75 -16.35 -8.01 15.96
N GLY A 76 -16.61 -6.84 15.39
CA GLY A 76 -16.84 -5.69 16.25
C GLY A 76 -15.59 -5.03 16.85
N PHE A 77 -14.42 -5.66 16.79
CA PHE A 77 -13.24 -5.08 17.39
C PHE A 77 -12.74 -3.93 16.46
N SER A 78 -12.56 -2.75 17.01
CA SER A 78 -12.22 -1.55 16.19
C SER A 78 -10.84 -1.68 15.46
N GLY A 79 -9.87 -2.33 16.09
CA GLY A 79 -8.58 -2.60 15.53
C GLY A 79 -8.60 -3.25 14.16
N SER A 80 -9.47 -4.23 13.95
CA SER A 80 -9.62 -4.90 12.68
C SER A 80 -10.64 -4.31 11.78
N GLU A 81 -11.79 -3.92 12.35
CA GLU A 81 -12.85 -3.42 11.53
C GLU A 81 -12.59 -2.07 10.87
N MET A 82 -11.63 -1.33 11.38
CA MET A 82 -11.27 -0.03 10.80
C MET A 82 -10.67 -0.21 9.38
N TRP A 83 -10.30 -1.44 9.02
CA TRP A 83 -9.72 -1.80 7.72
C TRP A 83 -10.75 -2.36 6.74
N ASN A 84 -11.91 -2.78 7.24
CA ASN A 84 -12.90 -3.45 6.41
C ASN A 84 -13.70 -2.43 5.66
N PRO A 85 -14.38 -2.84 4.60
CA PRO A 85 -15.19 -1.96 3.78
C PRO A 85 -16.24 -1.35 4.65
N ASN A 86 -16.37 -0.03 4.57
CA ASN A 86 -17.42 0.65 5.31
C ASN A 86 -18.54 1.15 4.39
N ARG A 87 -18.58 0.69 3.16
CA ARG A 87 -19.66 0.98 2.24
C ARG A 87 -20.05 -0.35 1.63
N GLU A 88 -21.18 -0.46 0.97
CA GLU A 88 -21.50 -1.66 0.23
C GLU A 88 -20.46 -2.00 -0.78
N MET A 89 -20.29 -3.29 -1.01
CA MET A 89 -19.32 -3.71 -2.02
C MET A 89 -19.99 -3.83 -3.36
N SER A 90 -19.25 -3.53 -4.41
CA SER A 90 -19.77 -3.71 -5.76
C SER A 90 -18.62 -3.83 -6.70
N GLU A 91 -18.78 -4.59 -7.79
CA GLU A 91 -17.81 -4.52 -8.89
C GLU A 91 -17.78 -3.15 -9.56
N ASP A 92 -18.88 -2.39 -9.39
CA ASP A 92 -18.95 -0.99 -9.83
C ASP A 92 -18.31 -0.12 -8.78
N CYS A 93 -16.99 0.04 -8.85
CA CYS A 93 -16.27 0.60 -7.71
C CYS A 93 -15.11 1.47 -8.11
N LEU A 94 -14.97 1.75 -9.42
CA LEU A 94 -13.86 2.62 -9.84
C LEU A 94 -14.19 4.16 -9.76
N TYR A 95 -13.91 4.69 -8.59
CA TYR A 95 -14.20 6.05 -8.19
C TYR A 95 -13.04 6.67 -7.48
N LEU A 96 -13.01 8.00 -7.48
CA LEU A 96 -12.08 8.70 -6.68
C LEU A 96 -12.69 9.80 -5.85
N ASN A 97 -11.96 10.21 -4.84
CA ASN A 97 -12.41 11.25 -3.91
C ASN A 97 -11.36 12.36 -3.84
N ILE A 98 -11.85 13.59 -3.69
CA ILE A 98 -10.99 14.77 -3.66
C ILE A 98 -11.39 15.71 -2.57
N TRP A 99 -10.42 16.09 -1.75
CA TRP A 99 -10.62 17.07 -0.72
C TRP A 99 -9.83 18.33 -1.13
N VAL A 100 -10.51 19.47 -1.12
CA VAL A 100 -9.99 20.69 -1.68
C VAL A 100 -10.08 21.83 -0.68
N PRO A 101 -8.99 22.52 -0.35
CA PRO A 101 -9.17 23.64 0.57
C PRO A 101 -10.23 24.63 0.08
N SER A 102 -10.67 25.41 1.04
CA SER A 102 -11.65 26.48 0.87
C SER A 102 -11.04 27.72 1.45
N PRO A 103 -10.87 28.76 0.66
CA PRO A 103 -11.37 28.84 -0.71
C PRO A 103 -10.54 28.00 -1.69
N ARG A 104 -11.17 27.67 -2.79
CA ARG A 104 -10.55 26.85 -3.82
C ARG A 104 -9.20 27.41 -4.18
N PRO A 105 -8.13 26.62 -4.09
CA PRO A 105 -6.86 27.20 -4.59
C PRO A 105 -6.82 27.31 -6.10
N LYS A 106 -5.74 27.87 -6.60
CA LYS A 106 -5.52 28.06 -8.00
C LYS A 106 -4.66 26.98 -8.59
N SER A 107 -3.55 26.71 -7.93
CA SER A 107 -2.58 25.77 -8.47
C SER A 107 -1.65 25.18 -7.39
N THR A 108 -2.23 24.30 -6.58
CA THR A 108 -1.55 23.86 -5.42
C THR A 108 -1.12 22.38 -5.52
N THR A 109 -0.22 22.03 -4.62
CA THR A 109 0.36 20.69 -4.58
C THR A 109 -0.78 19.66 -4.44
N VAL A 110 -0.70 18.56 -5.19
CA VAL A 110 -1.68 17.48 -5.15
C VAL A 110 -1.04 16.20 -4.55
N MET A 111 -1.79 15.50 -3.67
CA MET A 111 -1.32 14.17 -3.11
C MET A 111 -2.36 13.13 -3.41
N VAL A 112 -1.96 12.02 -4.06
CA VAL A 112 -2.88 11.00 -4.42
C VAL A 112 -2.55 9.71 -3.62
N TRP A 113 -3.52 9.26 -2.82
CA TRP A 113 -3.44 8.14 -1.91
C TRP A 113 -3.86 6.88 -2.59
N ILE A 114 -2.97 5.89 -2.53
CA ILE A 114 -3.23 4.52 -3.06
C ILE A 114 -3.28 3.52 -1.86
N TYR A 115 -4.50 3.03 -1.54
CA TYR A 115 -4.63 2.11 -0.41
C TYR A 115 -3.88 0.78 -0.58
N GLY A 116 -3.51 0.27 0.59
CA GLY A 116 -3.01 -1.09 0.74
C GLY A 116 -4.12 -2.08 1.04
N GLY A 117 -3.69 -3.26 1.46
CA GLY A 117 -4.52 -4.40 1.68
C GLY A 117 -4.15 -5.63 0.90
N GLY A 118 -2.85 -5.80 0.63
CA GLY A 118 -2.32 -7.02 0.04
C GLY A 118 -2.76 -7.35 -1.37
N PHE A 119 -3.29 -6.35 -2.07
CA PHE A 119 -3.86 -6.54 -3.37
C PHE A 119 -5.17 -7.39 -3.37
N TYR A 120 -5.65 -7.79 -2.18
CA TYR A 120 -6.91 -8.56 -2.07
C TYR A 120 -8.02 -7.81 -1.39
N SER A 121 -7.74 -6.62 -0.84
CA SER A 121 -8.68 -5.85 -0.10
C SER A 121 -8.23 -4.41 -0.09
N GLY A 122 -9.09 -3.58 0.50
CA GLY A 122 -8.86 -2.18 0.81
C GLY A 122 -9.93 -1.29 0.17
N SER A 123 -10.02 -0.09 0.67
CA SER A 123 -11.12 0.83 0.41
C SER A 123 -10.53 2.23 0.51
N SER A 124 -10.98 3.13 -0.37
CA SER A 124 -10.58 4.55 -0.33
C SER A 124 -11.36 5.32 0.72
N THR A 125 -12.38 4.68 1.29
CA THR A 125 -13.37 5.38 2.11
C THR A 125 -13.24 5.18 3.58
N LEU A 126 -12.17 4.48 4.02
CA LEU A 126 -11.97 4.21 5.42
C LEU A 126 -11.81 5.49 6.21
N ASP A 127 -12.25 5.47 7.45
CA ASP A 127 -12.05 6.63 8.35
C ASP A 127 -10.61 7.03 8.52
N VAL A 128 -9.70 6.05 8.55
CA VAL A 128 -8.33 6.41 8.66
C VAL A 128 -7.74 7.05 7.39
N TYR A 129 -8.40 6.94 6.26
CA TYR A 129 -7.93 7.58 5.00
C TYR A 129 -8.70 8.88 4.67
N ASN A 130 -9.44 9.40 5.62
CA ASN A 130 -10.19 10.64 5.39
C ASN A 130 -9.21 11.80 5.16
N GLY A 131 -9.21 12.27 3.92
CA GLY A 131 -8.25 13.32 3.54
C GLY A 131 -8.46 14.75 4.06
N LYS A 132 -9.53 15.00 4.80
CA LYS A 132 -9.89 16.40 5.13
C LYS A 132 -8.86 17.05 6.04
N TYR A 133 -8.20 16.30 6.93
CA TYR A 133 -7.27 16.95 7.91
C TYR A 133 -6.01 17.41 7.19
N LEU A 134 -5.52 16.54 6.32
CA LEU A 134 -4.32 16.82 5.58
C LEU A 134 -4.59 17.96 4.56
N ALA A 135 -5.70 17.90 3.85
CA ALA A 135 -6.05 18.94 2.88
C ALA A 135 -6.16 20.32 3.58
N TYR A 136 -6.82 20.32 4.72
CA TYR A 136 -7.03 21.53 5.46
C TYR A 136 -5.75 22.02 6.07
N THR A 137 -5.01 21.15 6.73
CA THR A 137 -3.89 21.61 7.56
C THR A 137 -2.74 22.01 6.69
N GLU A 138 -2.51 21.29 5.61
CA GLU A 138 -1.34 21.55 4.77
C GLU A 138 -1.66 22.30 3.48
N GLU A 139 -2.93 22.51 3.21
CA GLU A 139 -3.35 23.23 2.02
C GLU A 139 -2.93 22.49 0.77
N VAL A 140 -3.26 21.19 0.70
CA VAL A 140 -3.03 20.41 -0.48
C VAL A 140 -4.40 19.96 -0.94
N VAL A 141 -4.49 19.66 -2.21
CA VAL A 141 -5.59 18.93 -2.75
C VAL A 141 -5.26 17.46 -2.59
N LEU A 142 -6.10 16.74 -1.85
CA LEU A 142 -5.82 15.30 -1.51
C LEU A 142 -6.81 14.44 -2.22
N VAL A 143 -6.30 13.56 -3.07
CA VAL A 143 -7.12 12.62 -3.85
C VAL A 143 -6.92 11.22 -3.27
N SER A 144 -8.01 10.48 -3.14
CA SER A 144 -7.88 9.00 -2.94
C SER A 144 -8.50 8.26 -4.07
N LEU A 145 -7.76 7.28 -4.59
CA LEU A 145 -8.28 6.55 -5.75
C LEU A 145 -8.73 5.15 -5.27
N SER A 146 -9.31 4.39 -6.16
CA SER A 146 -9.61 3.02 -5.91
C SER A 146 -9.14 2.21 -7.06
N TYR A 147 -9.04 0.92 -6.81
CA TYR A 147 -8.65 -0.07 -7.80
C TYR A 147 -9.16 -1.47 -7.46
N ARG A 148 -9.39 -2.25 -8.49
CA ARG A 148 -9.89 -3.61 -8.34
C ARG A 148 -8.80 -4.44 -7.58
N VAL A 149 -9.25 -5.18 -6.57
CA VAL A 149 -8.43 -6.14 -5.89
C VAL A 149 -8.86 -7.63 -6.11
N GLY A 150 -8.08 -8.54 -5.53
CA GLY A 150 -8.33 -9.94 -5.72
C GLY A 150 -8.27 -10.34 -7.16
N ALA A 151 -8.97 -11.43 -7.47
CA ALA A 151 -9.01 -11.91 -8.82
C ALA A 151 -9.60 -10.85 -9.76
N PHE A 152 -10.48 -10.01 -9.27
CA PHE A 152 -11.14 -9.00 -10.14
C PHE A 152 -10.08 -8.02 -10.71
N GLY A 153 -9.05 -7.76 -9.89
CA GLY A 153 -7.96 -6.94 -10.30
C GLY A 153 -6.70 -7.59 -10.84
N PHE A 154 -6.47 -8.86 -10.51
CA PHE A 154 -5.20 -9.41 -10.76
C PHE A 154 -5.14 -10.84 -11.29
N LEU A 155 -6.29 -11.40 -11.58
CA LEU A 155 -6.34 -12.69 -12.29
C LEU A 155 -5.55 -12.55 -13.53
N ALA A 156 -4.61 -13.43 -13.76
CA ALA A 156 -3.69 -13.27 -14.87
C ALA A 156 -3.49 -14.49 -15.77
N LEU A 157 -3.88 -14.32 -17.04
CA LEU A 157 -3.77 -15.39 -18.02
C LEU A 157 -3.04 -14.81 -19.18
N HIS A 158 -1.75 -14.70 -19.02
CA HIS A 158 -0.90 -13.97 -19.94
C HIS A 158 -1.08 -14.53 -21.34
N GLY A 159 -1.34 -13.65 -22.30
CA GLY A 159 -1.57 -14.07 -23.67
C GLY A 159 -3.01 -13.75 -24.06
N SER A 160 -3.88 -13.68 -23.09
CA SER A 160 -5.22 -13.36 -23.34
C SER A 160 -5.40 -11.85 -23.08
N GLN A 161 -6.31 -11.25 -23.85
CA GLN A 161 -6.64 -9.83 -23.70
C GLN A 161 -7.92 -9.71 -22.91
N GLU A 162 -8.52 -10.85 -22.58
CA GLU A 162 -9.69 -10.85 -21.74
C GLU A 162 -9.32 -10.80 -20.23
N ALA A 163 -8.20 -11.43 -19.86
CA ALA A 163 -7.65 -11.37 -18.47
C ALA A 163 -6.16 -11.34 -18.50
N PRO A 164 -5.58 -10.17 -18.83
CA PRO A 164 -4.16 -10.07 -19.05
C PRO A 164 -3.35 -10.03 -17.74
N GLY A 165 -3.99 -9.71 -16.63
CA GLY A 165 -3.23 -9.39 -15.39
C GLY A 165 -3.03 -7.90 -15.27
N ASN A 166 -2.67 -7.45 -14.07
CA ASN A 166 -2.33 -6.12 -13.76
C ASN A 166 -3.44 -5.14 -13.95
N VAL A 167 -4.70 -5.57 -14.10
CA VAL A 167 -5.71 -4.57 -14.41
C VAL A 167 -6.00 -3.63 -13.28
N GLY A 168 -5.82 -4.08 -12.04
CA GLY A 168 -5.92 -3.22 -10.88
C GLY A 168 -4.91 -2.07 -10.90
N LEU A 169 -3.70 -2.37 -11.38
CA LEU A 169 -2.65 -1.34 -11.48
C LEU A 169 -3.04 -0.37 -12.61
N LEU A 170 -3.63 -0.88 -13.70
CA LEU A 170 -4.16 -0.03 -14.74
C LEU A 170 -5.34 0.79 -14.25
N ASP A 171 -6.19 0.27 -13.32
CA ASP A 171 -7.16 1.12 -12.64
C ASP A 171 -6.46 2.35 -12.02
N GLN A 172 -5.36 2.07 -11.33
CA GLN A 172 -4.67 3.13 -10.56
C GLN A 172 -4.14 4.10 -11.63
N ARG A 173 -3.61 3.59 -12.74
CA ARG A 173 -3.02 4.46 -13.73
C ARG A 173 -4.10 5.37 -14.34
N MET A 174 -5.29 4.83 -14.59
CA MET A 174 -6.40 5.59 -15.18
C MET A 174 -6.82 6.68 -14.26
N ALA A 175 -6.84 6.42 -12.95
CA ALA A 175 -7.20 7.51 -12.03
C ALA A 175 -6.12 8.58 -12.07
N LEU A 176 -4.86 8.18 -12.18
CA LEU A 176 -3.77 9.14 -12.23
C LEU A 176 -3.88 9.98 -13.52
N GLN A 177 -4.31 9.33 -14.62
CA GLN A 177 -4.49 10.00 -15.90
C GLN A 177 -5.59 11.01 -15.74
N TRP A 178 -6.66 10.63 -15.03
CA TRP A 178 -7.78 11.57 -14.80
C TRP A 178 -7.37 12.72 -13.96
N VAL A 179 -6.58 12.47 -12.91
CA VAL A 179 -6.05 13.54 -12.11
C VAL A 179 -5.15 14.49 -12.96
N HIS A 180 -4.25 13.90 -13.73
CA HIS A 180 -3.42 14.69 -14.64
C HIS A 180 -4.29 15.55 -15.50
N ASP A 181 -5.37 15.00 -16.06
CA ASP A 181 -6.18 15.72 -16.98
C ASP A 181 -7.17 16.71 -16.35
N ASN A 182 -7.54 16.55 -15.07
CA ASN A 182 -8.64 17.26 -14.51
C ASN A 182 -8.42 17.96 -13.25
N ILE A 183 -7.31 17.72 -12.54
CA ILE A 183 -7.18 18.29 -11.22
C ILE A 183 -7.00 19.83 -11.23
N GLN A 184 -6.55 20.41 -12.35
CA GLN A 184 -6.47 21.88 -12.44
C GLN A 184 -7.87 22.50 -12.12
N PHE A 185 -8.94 21.86 -12.48
CA PHE A 185 -10.28 22.48 -12.27
C PHE A 185 -10.63 22.57 -10.80
N PHE A 186 -9.94 21.78 -9.98
CA PHE A 186 -10.16 21.75 -8.55
C PHE A 186 -9.15 22.62 -7.87
N GLY A 187 -8.29 23.25 -8.67
CA GLY A 187 -7.23 24.05 -8.08
C GLY A 187 -5.91 23.33 -7.82
N GLY A 188 -5.77 22.10 -8.31
CA GLY A 188 -4.50 21.39 -8.18
C GLY A 188 -3.57 21.67 -9.31
N ASP A 189 -2.30 21.54 -9.06
CA ASP A 189 -1.28 21.61 -10.08
C ASP A 189 -0.92 20.20 -10.59
N PRO A 190 -1.29 19.85 -11.82
CA PRO A 190 -0.96 18.55 -12.36
C PRO A 190 0.54 18.35 -12.57
N LYS A 191 1.32 19.39 -12.47
CA LYS A 191 2.81 19.20 -12.55
C LYS A 191 3.42 18.89 -11.18
N THR A 192 2.64 18.96 -10.12
CA THR A 192 3.18 18.67 -8.79
C THR A 192 2.28 17.67 -8.01
N VAL A 193 2.11 16.49 -8.60
CA VAL A 193 1.34 15.38 -8.03
C VAL A 193 2.32 14.41 -7.33
N THR A 194 2.15 14.23 -6.03
CA THR A 194 2.84 13.14 -5.33
C THR A 194 1.85 11.95 -5.17
N ILE A 195 2.26 10.77 -5.59
CA ILE A 195 1.53 9.51 -5.28
C ILE A 195 2.13 8.92 -3.97
N PHE A 196 1.23 8.51 -3.08
CA PHE A 196 1.69 7.92 -1.81
C PHE A 196 0.80 6.76 -1.45
N GLY A 197 1.37 5.76 -0.79
CA GLY A 197 0.55 4.66 -0.36
C GLY A 197 1.29 3.76 0.63
N GLU A 198 0.53 2.85 1.27
CA GLU A 198 1.02 1.96 2.29
C GLU A 198 0.83 0.48 1.94
N SER A 199 1.87 -0.29 2.28
CA SER A 199 1.94 -1.70 2.02
C SER A 199 1.72 -2.02 0.51
N ALA A 200 0.68 -2.72 0.12
CA ALA A 200 0.40 -2.86 -1.33
C ALA A 200 0.30 -1.53 -2.11
N GLY A 201 -0.18 -0.44 -1.46
CA GLY A 201 -0.17 0.89 -2.07
C GLY A 201 1.25 1.42 -2.22
N GLY A 202 2.13 1.12 -1.27
CA GLY A 202 3.56 1.47 -1.36
C GLY A 202 4.24 0.70 -2.45
N ALA A 203 3.98 -0.60 -2.54
CA ALA A 203 4.47 -1.38 -3.66
C ALA A 203 3.95 -0.79 -5.04
N SER A 204 2.64 -0.48 -5.08
CA SER A 204 1.99 0.07 -6.24
C SER A 204 2.72 1.38 -6.64
N VAL A 205 2.95 2.28 -5.69
CA VAL A 205 3.70 3.52 -5.95
C VAL A 205 5.02 3.18 -6.69
N GLY A 206 5.78 2.25 -6.13
CA GLY A 206 7.02 1.79 -6.74
C GLY A 206 6.80 1.23 -8.11
N MET A 207 5.74 0.54 -8.28
CA MET A 207 5.39 -0.01 -9.57
C MET A 207 5.11 1.04 -10.65
N HIS A 208 4.51 2.14 -10.28
CA HIS A 208 4.34 3.24 -11.24
C HIS A 208 5.61 3.97 -11.53
N ILE A 209 6.53 4.00 -10.55
CA ILE A 209 7.87 4.53 -10.78
C ILE A 209 8.62 3.72 -11.80
N LEU A 210 8.43 2.40 -11.76
CA LEU A 210 9.08 1.53 -12.68
C LEU A 210 8.41 1.47 -14.05
N SER A 211 7.08 1.38 -14.07
CA SER A 211 6.40 1.14 -15.31
C SER A 211 6.46 2.40 -16.28
N PRO A 212 7.08 2.24 -17.44
CA PRO A 212 7.13 3.33 -18.46
C PRO A 212 5.79 4.01 -18.73
N GLY A 213 4.70 3.22 -18.77
CA GLY A 213 3.40 3.71 -19.06
C GLY A 213 2.81 4.51 -17.92
N SER A 214 3.46 4.54 -16.77
CA SER A 214 2.87 5.36 -15.69
C SER A 214 3.69 6.57 -15.28
N ARG A 215 4.97 6.50 -15.56
CA ARG A 215 5.94 7.41 -14.95
C ARG A 215 5.63 8.86 -15.19
N ASP A 216 5.07 9.17 -16.35
CA ASP A 216 4.91 10.58 -16.71
C ASP A 216 3.75 11.20 -15.97
N LEU A 217 2.90 10.36 -15.36
CA LEU A 217 1.65 10.87 -14.82
C LEU A 217 1.79 11.38 -13.39
N PHE A 218 3.00 11.53 -12.88
CA PHE A 218 3.09 12.07 -11.55
C PHE A 218 4.50 12.61 -11.40
N ARG A 219 4.71 13.37 -10.35
CA ARG A 219 5.97 14.07 -10.16
C ARG A 219 6.94 13.39 -9.19
N ARG A 220 6.42 12.97 -8.08
CA ARG A 220 7.14 12.58 -6.88
C ARG A 220 6.41 11.42 -6.17
N ALA A 221 7.07 10.75 -5.22
CA ALA A 221 6.53 9.55 -4.61
C ALA A 221 6.93 9.31 -3.17
N ILE A 222 5.97 8.72 -2.47
CA ILE A 222 6.09 8.31 -1.06
C ILE A 222 5.61 6.86 -0.89
N LEU A 223 6.51 6.01 -0.34
CA LEU A 223 6.26 4.55 -0.17
C LEU A 223 6.30 4.24 1.34
N GLN A 224 5.15 3.87 1.92
CA GLN A 224 5.04 3.53 3.39
C GLN A 224 4.94 2.02 3.54
N SER A 225 6.00 1.41 4.07
CA SER A 225 6.01 -0.02 4.35
C SER A 225 5.64 -0.89 3.15
N GLY A 226 6.25 -0.64 2.04
CA GLY A 226 5.97 -1.43 0.86
C GLY A 226 6.94 -0.98 -0.17
N SER A 227 7.29 -1.89 -1.07
CA SER A 227 8.35 -1.82 -2.07
C SER A 227 7.91 -2.64 -3.26
N PRO A 228 8.22 -2.23 -4.48
CA PRO A 228 7.72 -2.97 -5.59
C PRO A 228 8.34 -4.37 -5.76
N ASN A 229 9.56 -4.53 -5.30
CA ASN A 229 10.22 -5.81 -5.25
C ASN A 229 9.91 -6.70 -4.03
N CYS A 230 8.91 -6.40 -3.23
CA CYS A 230 8.66 -7.23 -2.10
C CYS A 230 8.24 -8.63 -2.59
N PRO A 231 8.55 -9.71 -1.80
CA PRO A 231 8.38 -11.10 -2.30
C PRO A 231 6.93 -11.49 -2.51
N TRP A 232 6.02 -10.78 -1.86
CA TRP A 232 4.58 -10.94 -1.99
C TRP A 232 3.91 -10.06 -3.04
N ALA A 233 4.57 -9.04 -3.58
CA ALA A 233 3.90 -8.08 -4.44
C ALA A 233 3.79 -8.48 -5.92
N SER A 234 4.47 -9.53 -6.41
CA SER A 234 4.33 -9.92 -7.80
C SER A 234 4.59 -11.38 -7.95
N VAL A 235 4.17 -11.94 -9.08
CA VAL A 235 4.37 -13.33 -9.43
C VAL A 235 4.76 -13.37 -10.91
N SER A 236 5.38 -14.49 -11.31
CA SER A 236 5.72 -14.71 -12.72
C SER A 236 4.41 -14.99 -13.56
N VAL A 237 4.47 -14.89 -14.88
CA VAL A 237 3.24 -15.15 -15.62
C VAL A 237 2.86 -16.63 -15.54
N ALA A 238 3.83 -17.53 -15.42
CA ALA A 238 3.51 -18.98 -15.22
C ALA A 238 2.78 -19.21 -13.88
N GLU A 239 3.18 -18.47 -12.84
CA GLU A 239 2.56 -18.68 -11.52
C GLU A 239 1.18 -18.05 -11.47
N GLY A 240 1.03 -16.92 -12.16
CA GLY A 240 -0.27 -16.34 -12.36
C GLY A 240 -1.27 -17.27 -13.10
N ARG A 241 -0.84 -17.81 -14.20
CA ARG A 241 -1.66 -18.76 -14.95
C ARG A 241 -2.03 -19.96 -14.07
N ARG A 242 -1.05 -20.50 -13.38
CA ARG A 242 -1.30 -21.62 -12.48
C ARG A 242 -2.39 -21.28 -11.49
N ARG A 243 -2.32 -20.14 -10.86
CA ARG A 243 -3.31 -19.82 -9.84
C ARG A 243 -4.66 -19.55 -10.44
N ALA A 244 -4.70 -19.05 -11.65
CA ALA A 244 -5.98 -18.75 -12.29
C ALA A 244 -6.66 -20.05 -12.70
N VAL A 245 -5.91 -21.01 -13.19
CA VAL A 245 -6.49 -22.32 -13.50
C VAL A 245 -7.00 -23.05 -12.23
N GLU A 246 -6.26 -22.95 -11.13
CA GLU A 246 -6.62 -23.53 -9.82
C GLU A 246 -7.83 -22.88 -9.29
N LEU A 247 -7.99 -21.56 -9.52
CA LEU A 247 -9.23 -20.89 -9.18
C LEU A 247 -10.38 -21.54 -9.95
N GLY A 248 -10.20 -21.70 -11.23
CA GLY A 248 -11.19 -22.41 -12.06
C GLY A 248 -11.55 -23.77 -11.53
N ARG A 249 -10.51 -24.51 -11.20
CA ARG A 249 -10.65 -25.86 -10.70
C ARG A 249 -11.48 -25.87 -9.43
N ASN A 250 -11.29 -24.88 -8.55
CA ASN A 250 -12.08 -24.79 -7.33
C ASN A 250 -13.51 -24.46 -7.60
N LEU A 251 -13.82 -23.89 -8.76
CA LEU A 251 -15.21 -23.51 -9.09
C LEU A 251 -15.84 -24.42 -10.18
N ASN A 252 -15.18 -25.54 -10.47
CA ASN A 252 -15.67 -26.56 -11.42
C ASN A 252 -15.82 -25.98 -12.83
N CYS A 253 -14.84 -25.16 -13.21
CA CYS A 253 -14.83 -24.54 -14.50
C CYS A 253 -14.24 -25.49 -15.49
N ASN A 254 -14.58 -25.26 -16.75
CA ASN A 254 -13.91 -25.88 -17.86
C ASN A 254 -12.53 -25.24 -18.03
N LEU A 255 -11.47 -26.05 -18.04
CA LEU A 255 -10.10 -25.57 -18.02
C LEU A 255 -9.40 -25.77 -19.33
N ASN A 256 -10.16 -26.11 -20.37
CA ASN A 256 -9.55 -26.44 -21.69
C ASN A 256 -8.95 -25.29 -22.47
N SER A 257 -9.47 -24.09 -22.28
CA SER A 257 -8.82 -22.94 -22.85
C SER A 257 -8.99 -21.74 -21.94
N ASP A 258 -8.21 -20.69 -22.23
CA ASP A 258 -8.44 -19.36 -21.56
C ASP A 258 -9.85 -18.89 -21.75
N GLU A 259 -10.31 -19.03 -22.99
CA GLU A 259 -11.65 -18.59 -23.36
C GLU A 259 -12.65 -19.27 -22.51
N GLU A 260 -12.56 -20.60 -22.37
CA GLU A 260 -13.53 -21.32 -21.48
C GLU A 260 -13.40 -20.93 -20.01
N LEU A 261 -12.14 -20.83 -19.56
CA LEU A 261 -11.92 -20.55 -18.13
C LEU A 261 -12.52 -19.18 -17.77
N ILE A 262 -12.26 -18.18 -18.61
CA ILE A 262 -12.71 -16.78 -18.35
C ILE A 262 -14.21 -16.66 -18.38
N HIS A 263 -14.80 -17.22 -19.42
CA HIS A 263 -16.25 -17.26 -19.50
C HIS A 263 -16.87 -17.85 -18.26
N CYS A 264 -16.31 -18.96 -17.75
CA CYS A 264 -16.86 -19.57 -16.53
C CYS A 264 -16.71 -18.64 -15.31
N LEU A 265 -15.52 -18.05 -15.18
CA LEU A 265 -15.25 -17.10 -14.07
C LEU A 265 -16.12 -15.86 -14.16
N ARG A 266 -16.38 -15.42 -15.38
CA ARG A 266 -17.30 -14.25 -15.55
C ARG A 266 -18.75 -14.52 -15.18
N GLU A 267 -19.18 -15.76 -15.17
CA GLU A 267 -20.57 -16.01 -14.74
C GLU A 267 -20.70 -16.11 -13.23
N LYS A 268 -19.60 -16.24 -12.46
CA LYS A 268 -19.75 -16.45 -11.05
C LYS A 268 -20.11 -15.17 -10.41
N LYS A 269 -20.89 -15.24 -9.35
CA LYS A 269 -21.09 -14.09 -8.52
C LYS A 269 -19.77 -13.77 -7.84
N PRO A 270 -19.62 -12.52 -7.41
CA PRO A 270 -18.32 -12.10 -6.89
C PRO A 270 -17.87 -12.92 -5.66
N GLN A 271 -18.79 -13.04 -4.72
CA GLN A 271 -18.56 -13.88 -3.55
C GLN A 271 -18.08 -15.31 -3.82
N GLU A 272 -18.49 -15.91 -4.93
CA GLU A 272 -18.02 -17.26 -5.21
C GLU A 272 -16.54 -17.24 -5.41
N LEU A 273 -16.05 -16.21 -6.07
CA LEU A 273 -14.61 -16.11 -6.31
C LEU A 273 -13.86 -15.93 -4.98
N ILE A 274 -14.36 -15.01 -4.18
CA ILE A 274 -13.74 -14.65 -2.95
C ILE A 274 -13.73 -15.83 -1.95
N ASP A 275 -14.79 -16.62 -1.96
CA ASP A 275 -14.88 -17.82 -1.15
C ASP A 275 -13.75 -18.83 -1.38
N VAL A 276 -13.17 -18.93 -2.57
CA VAL A 276 -12.12 -19.88 -2.82
C VAL A 276 -10.73 -19.27 -3.14
N GLU A 277 -10.63 -17.93 -3.08
CA GLU A 277 -9.47 -17.22 -3.56
C GLU A 277 -8.19 -17.73 -2.86
N TRP A 278 -8.31 -18.02 -1.58
CA TRP A 278 -7.17 -18.34 -0.75
C TRP A 278 -6.72 -19.78 -0.98
N ASN A 279 -7.49 -20.55 -1.76
CA ASN A 279 -7.14 -21.96 -2.02
C ASN A 279 -6.07 -22.16 -3.03
N VAL A 280 -5.60 -21.10 -3.70
CA VAL A 280 -4.76 -21.30 -4.86
C VAL A 280 -3.28 -21.05 -4.53
N LEU A 281 -2.97 -20.68 -3.28
CA LEU A 281 -1.57 -20.38 -2.93
C LEU A 281 -0.75 -21.62 -3.05
N PRO A 282 0.47 -21.49 -3.54
CA PRO A 282 1.19 -22.75 -3.70
C PRO A 282 1.78 -23.27 -2.38
N PHE A 283 1.97 -22.46 -1.35
CA PHE A 283 2.69 -22.98 -0.14
C PHE A 283 1.82 -22.69 1.05
N ASP A 284 2.10 -23.36 2.16
CA ASP A 284 1.59 -22.98 3.50
C ASP A 284 2.35 -21.77 3.96
N SER A 285 1.71 -20.62 3.96
CA SER A 285 2.43 -19.39 4.04
C SER A 285 1.70 -18.41 4.87
N ILE A 286 2.47 -17.46 5.41
CA ILE A 286 1.90 -16.19 5.77
C ILE A 286 2.56 -15.06 4.90
N PHE A 287 1.93 -13.92 4.84
CA PHE A 287 2.41 -12.77 3.95
C PHE A 287 2.57 -13.15 2.46
N ARG A 288 1.59 -13.91 1.96
CA ARG A 288 1.54 -14.25 0.53
C ARG A 288 0.07 -14.22 0.16
N PHE A 289 -0.17 -13.62 -1.02
CA PHE A 289 -1.48 -13.24 -1.44
C PHE A 289 -1.69 -13.85 -2.84
N SER A 290 -2.89 -14.30 -3.09
CA SER A 290 -3.13 -15.08 -4.31
C SER A 290 -3.02 -14.37 -5.66
N PHE A 291 -3.74 -13.23 -5.78
CA PHE A 291 -3.81 -12.45 -7.02
C PHE A 291 -3.17 -11.09 -6.84
N VAL A 292 -1.99 -11.00 -7.41
CA VAL A 292 -1.14 -9.88 -7.31
C VAL A 292 -0.57 -9.54 -8.72
N PRO A 293 0.14 -8.41 -8.83
CA PRO A 293 0.76 -8.01 -10.10
C PRO A 293 1.62 -9.09 -10.72
N VAL A 294 1.60 -9.17 -12.06
CA VAL A 294 2.39 -10.14 -12.77
C VAL A 294 3.50 -9.44 -13.59
N ILE A 295 4.64 -10.10 -13.68
CA ILE A 295 5.75 -9.54 -14.41
C ILE A 295 5.53 -9.99 -15.85
N ASP A 296 4.91 -9.10 -16.65
CA ASP A 296 4.21 -9.50 -17.86
C ASP A 296 5.00 -9.14 -19.13
N GLY A 297 6.00 -8.32 -19.05
CA GLY A 297 6.69 -7.86 -20.26
C GLY A 297 6.07 -6.63 -20.86
N GLU A 298 5.03 -6.10 -20.23
CA GLU A 298 4.28 -4.95 -20.74
C GLU A 298 4.21 -3.82 -19.69
N PHE A 299 3.42 -3.99 -18.64
CA PHE A 299 3.44 -3.08 -17.54
C PHE A 299 4.86 -2.97 -17.00
N PHE A 300 5.51 -4.12 -16.84
CA PHE A 300 6.89 -4.22 -16.45
C PHE A 300 7.66 -4.81 -17.64
N PRO A 301 8.52 -4.02 -18.29
CA PRO A 301 9.12 -4.55 -19.50
C PRO A 301 10.07 -5.70 -19.26
N THR A 302 10.83 -5.70 -18.15
CA THR A 302 11.66 -6.82 -17.75
C THR A 302 11.48 -7.13 -16.24
N SER A 303 12.33 -8.00 -15.70
CA SER A 303 12.31 -8.37 -14.29
C SER A 303 12.51 -7.11 -13.47
N LEU A 304 11.91 -7.05 -12.29
CA LEU A 304 12.10 -5.86 -11.47
C LEU A 304 13.57 -5.58 -11.14
N GLU A 305 14.30 -6.64 -10.86
CA GLU A 305 15.71 -6.51 -10.48
C GLU A 305 16.55 -5.97 -11.63
N SER A 306 16.31 -6.42 -12.85
CA SER A 306 17.01 -5.87 -14.03
C SER A 306 16.64 -4.40 -14.26
N MET A 307 15.37 -4.03 -14.06
CA MET A 307 14.99 -2.62 -14.08
C MET A 307 15.75 -1.81 -13.05
N LEU A 308 15.72 -2.23 -11.80
CA LEU A 308 16.40 -1.49 -10.77
C LEU A 308 17.88 -1.34 -11.00
N ASN A 309 18.50 -2.42 -11.45
CA ASN A 309 19.92 -2.45 -11.73
C ASN A 309 20.31 -1.53 -12.85
N SER A 310 19.51 -1.46 -13.92
CA SER A 310 19.89 -0.68 -15.09
C SER A 310 19.45 0.78 -14.99
N GLY A 311 18.68 1.15 -13.97
CA GLY A 311 18.17 2.52 -13.89
C GLY A 311 16.95 2.70 -14.74
N ASN A 312 16.31 1.60 -15.09
CA ASN A 312 15.11 1.69 -15.90
C ASN A 312 13.86 2.01 -15.05
N PHE A 313 13.77 3.28 -14.67
CA PHE A 313 12.71 3.80 -13.84
C PHE A 313 12.68 5.32 -13.81
N LYS A 314 11.56 5.91 -13.36
CA LYS A 314 11.47 7.35 -13.20
C LYS A 314 12.47 7.86 -12.15
N LYS A 315 13.23 8.89 -12.50
CA LYS A 315 14.21 9.53 -11.66
C LYS A 315 13.64 10.80 -11.07
N THR A 316 13.43 10.81 -9.78
CA THR A 316 12.76 11.91 -9.14
C THR A 316 13.20 11.81 -7.67
N GLN A 317 12.49 12.45 -6.77
CA GLN A 317 12.71 12.37 -5.37
C GLN A 317 11.71 11.38 -4.78
N ILE A 318 12.13 10.61 -3.78
CA ILE A 318 11.28 9.71 -3.07
C ILE A 318 11.50 9.91 -1.55
N LEU A 319 10.44 9.68 -0.82
CA LEU A 319 10.39 9.64 0.63
C LEU A 319 9.65 8.36 1.01
N LEU A 320 10.29 7.56 1.86
CA LEU A 320 9.84 6.25 2.16
C LEU A 320 10.38 5.73 3.51
N GLY A 321 9.78 4.64 3.97
CA GLY A 321 10.13 4.11 5.27
C GLY A 321 9.25 2.94 5.71
N VAL A 322 9.51 2.54 6.96
CA VAL A 322 8.98 1.34 7.53
C VAL A 322 8.64 1.55 9.00
N ASN A 323 7.73 0.69 9.52
CA ASN A 323 7.42 0.64 10.94
C ASN A 323 8.27 -0.40 11.69
N LYS A 324 8.42 -0.20 12.97
CA LYS A 324 9.29 -1.11 13.77
C LYS A 324 8.82 -2.56 13.78
N ASP A 325 7.51 -2.82 13.86
CA ASP A 325 7.04 -4.25 14.01
C ASP A 325 6.08 -4.66 12.92
N GLU A 326 6.63 -4.66 11.71
CA GLU A 326 5.86 -4.86 10.55
C GLU A 326 5.26 -6.30 10.61
N GLY A 327 5.98 -7.26 11.19
CA GLY A 327 5.55 -8.66 11.21
C GLY A 327 4.32 -9.05 12.05
N SER A 328 3.99 -8.24 13.05
CA SER A 328 3.20 -8.73 14.17
C SER A 328 1.81 -9.11 13.70
N PHE A 329 1.21 -8.28 12.85
CA PHE A 329 -0.14 -8.56 12.33
C PHE A 329 -0.25 -9.91 11.63
N PHE A 330 0.69 -10.21 10.75
CA PHE A 330 0.64 -11.44 9.97
C PHE A 330 0.78 -12.68 10.85
N LEU A 331 1.60 -12.57 11.90
CA LEU A 331 1.79 -13.65 12.85
C LEU A 331 0.52 -13.86 13.68
N LEU A 332 -0.06 -12.79 14.18
CA LEU A 332 -1.35 -12.87 14.89
C LEU A 332 -2.38 -13.62 14.11
N TYR A 333 -2.46 -13.29 12.84
CA TYR A 333 -3.52 -13.87 12.03
C TYR A 333 -3.20 -15.25 11.55
N GLY A 334 -1.92 -15.55 11.40
CA GLY A 334 -1.55 -16.73 10.59
C GLY A 334 -0.66 -17.79 11.22
N ALA A 335 -0.03 -17.53 12.36
CA ALA A 335 0.95 -18.38 12.89
C ALA A 335 0.53 -18.92 14.26
N PRO A 336 0.71 -20.24 14.47
CA PRO A 336 0.36 -20.84 15.79
C PRO A 336 1.12 -20.25 16.97
N GLY A 337 0.38 -20.04 18.04
CA GLY A 337 0.93 -19.57 19.28
C GLY A 337 0.78 -18.07 19.47
N PHE A 338 0.42 -17.36 18.42
CA PHE A 338 0.14 -15.92 18.53
C PHE A 338 -1.32 -15.67 18.68
N SER A 339 -1.70 -14.86 19.69
CA SER A 339 -3.09 -14.57 19.92
C SER A 339 -3.21 -13.13 20.37
N LYS A 340 -4.38 -12.61 20.16
CA LYS A 340 -4.66 -11.25 20.46
C LYS A 340 -4.68 -10.87 21.94
N ASP A 341 -5.25 -11.74 22.80
CA ASP A 341 -5.42 -11.45 24.22
C ASP A 341 -4.41 -12.17 25.06
N SER A 342 -3.36 -12.66 24.44
CA SER A 342 -2.27 -13.20 25.20
C SER A 342 -0.97 -12.47 24.83
N GLU A 343 0.05 -12.60 25.66
CA GLU A 343 1.35 -12.04 25.45
C GLU A 343 2.09 -12.81 24.36
N SER A 344 1.60 -13.99 24.03
CA SER A 344 2.04 -14.75 22.89
C SER A 344 3.52 -15.12 22.95
N LYS A 345 3.97 -15.58 24.11
CA LYS A 345 5.31 -16.10 24.24
C LYS A 345 5.30 -17.38 23.49
N ILE A 346 6.34 -17.61 22.73
CA ILE A 346 6.33 -18.65 21.69
C ILE A 346 7.31 -19.80 22.07
N SER A 347 6.85 -21.04 22.00
CA SER A 347 7.64 -22.21 22.28
C SER A 347 8.55 -22.43 21.08
N ARG A 348 9.55 -23.29 21.28
CA ARG A 348 10.50 -23.59 20.28
C ARG A 348 9.81 -24.21 19.09
N GLU A 349 8.79 -25.03 19.30
CA GLU A 349 8.10 -25.65 18.21
C GLU A 349 7.20 -24.72 17.44
N ASP A 350 6.57 -23.77 18.12
CA ASP A 350 5.80 -22.77 17.44
C ASP A 350 6.77 -21.84 16.65
N PHE A 351 7.92 -21.55 17.21
CA PHE A 351 8.98 -20.86 16.51
C PHE A 351 9.34 -21.49 15.19
N MET A 352 9.65 -22.79 15.19
CA MET A 352 10.05 -23.49 14.00
C MET A 352 8.90 -23.54 13.03
N SER A 353 7.69 -23.70 13.54
CA SER A 353 6.50 -23.65 12.66
C SER A 353 6.36 -22.28 11.93
N GLY A 354 6.60 -21.24 12.69
CA GLY A 354 6.48 -19.88 12.24
C GLY A 354 7.57 -19.54 11.24
N VAL A 355 8.77 -20.03 11.43
CA VAL A 355 9.84 -19.85 10.45
C VAL A 355 9.46 -20.42 9.11
N LYS A 356 8.90 -21.63 9.13
CA LYS A 356 8.49 -22.31 7.91
C LYS A 356 7.36 -21.57 7.14
N LEU A 357 6.36 -21.06 7.88
CA LEU A 357 5.32 -20.30 7.29
C LEU A 357 5.87 -18.98 6.71
N SER A 358 6.92 -18.45 7.33
CA SER A 358 7.41 -17.10 7.00
C SER A 358 8.28 -17.08 5.78
N VAL A 359 8.90 -18.21 5.47
CA VAL A 359 9.84 -18.29 4.38
C VAL A 359 9.45 -19.51 3.59
N PRO A 360 8.24 -19.48 3.00
CA PRO A 360 7.64 -20.70 2.49
C PRO A 360 8.34 -21.28 1.27
N HIS A 361 9.12 -20.46 0.60
CA HIS A 361 9.85 -20.88 -0.59
C HIS A 361 11.25 -21.43 -0.23
N ALA A 362 11.64 -21.46 1.04
CA ALA A 362 12.98 -21.96 1.38
C ALA A 362 12.99 -23.44 1.49
N ASN A 363 14.10 -24.07 1.14
CA ASN A 363 14.38 -25.42 1.48
C ASN A 363 14.91 -25.52 2.93
N ASP A 364 15.19 -26.73 3.38
CA ASP A 364 15.55 -26.96 4.75
C ASP A 364 16.86 -26.30 5.20
N LEU A 365 17.85 -26.25 4.35
CA LEU A 365 19.10 -25.52 4.67
C LEU A 365 18.73 -24.06 4.88
N GLY A 366 17.88 -23.56 3.98
CA GLY A 366 17.51 -22.15 4.06
C GLY A 366 16.82 -21.82 5.37
N LEU A 367 15.89 -22.67 5.77
CA LEU A 367 15.20 -22.52 7.07
C LEU A 367 16.18 -22.58 8.25
N ASP A 368 17.16 -23.50 8.18
CA ASP A 368 18.26 -23.52 9.19
C ASP A 368 19.02 -22.22 9.21
N ALA A 369 19.32 -21.66 8.04
CA ALA A 369 20.04 -20.37 8.02
C ALA A 369 19.23 -19.24 8.75
N VAL A 370 17.95 -19.16 8.43
CA VAL A 370 17.07 -18.17 9.02
C VAL A 370 17.02 -18.37 10.52
N THR A 371 16.84 -19.64 10.92
CA THR A 371 16.72 -19.97 12.36
C THR A 371 17.95 -19.55 13.10
N LEU A 372 19.11 -19.86 12.56
CA LEU A 372 20.39 -19.51 13.17
C LEU A 372 20.58 -18.02 13.28
N GLN A 373 20.22 -17.31 12.23
CA GLN A 373 20.37 -15.82 12.21
C GLN A 373 19.51 -15.12 13.27
N TYR A 374 18.40 -15.72 13.63
CA TYR A 374 17.49 -15.01 14.50
C TYR A 374 17.40 -15.65 15.92
N THR A 375 18.15 -16.71 16.17
CA THR A 375 18.01 -17.40 17.48
C THR A 375 19.18 -16.98 18.37
N ASP A 376 18.91 -16.63 19.62
CA ASP A 376 19.95 -16.39 20.63
C ASP A 376 20.21 -17.72 21.30
N TRP A 377 21.31 -18.35 20.90
CA TRP A 377 21.59 -19.72 21.35
C TRP A 377 22.10 -19.77 22.80
N MET A 378 22.36 -18.63 23.42
CA MET A 378 22.54 -18.61 24.87
C MET A 378 21.20 -18.64 25.60
N ASP A 379 20.07 -18.54 24.88
CA ASP A 379 18.78 -18.38 25.59
C ASP A 379 17.61 -18.78 24.71
N ASP A 380 17.54 -19.91 24.17
CA ASP A 380 16.87 -20.34 22.91
C ASP A 380 15.42 -20.71 23.32
N ASN A 381 15.18 -20.87 24.62
CA ASN A 381 13.80 -21.11 25.09
C ASN A 381 13.09 -19.93 25.66
N ASN A 382 13.58 -18.73 25.38
CA ASN A 382 12.97 -17.54 25.89
C ASN A 382 11.79 -17.25 24.92
N GLY A 383 10.58 -17.31 25.46
CA GLY A 383 9.34 -17.18 24.72
C GLY A 383 9.16 -15.81 24.10
N ILE A 384 9.62 -14.81 24.81
CA ILE A 384 9.65 -13.42 24.36
C ILE A 384 10.65 -13.21 23.18
N LYS A 385 11.83 -13.73 23.33
CA LYS A 385 12.81 -13.71 22.28
C LYS A 385 12.32 -14.48 21.08
N ASN A 386 11.65 -15.60 21.26
CA ASN A 386 11.13 -16.34 20.11
C ASN A 386 10.01 -15.58 19.35
N ARG A 387 9.15 -14.93 20.12
CA ARG A 387 8.09 -14.12 19.61
C ARG A 387 8.65 -12.94 18.84
N ASP A 388 9.53 -12.19 19.45
CA ASP A 388 10.09 -10.98 18.81
C ASP A 388 10.97 -11.32 17.61
N GLY A 389 11.68 -12.46 17.72
CA GLY A 389 12.48 -13.04 16.66
C GLY A 389 11.65 -13.26 15.41
N LEU A 390 10.55 -13.98 15.55
CA LEU A 390 9.71 -14.24 14.44
C LEU A 390 9.05 -12.91 13.90
N ASP A 391 8.68 -12.01 14.80
CA ASP A 391 8.15 -10.69 14.39
C ASP A 391 9.22 -9.99 13.44
N ASP A 392 10.50 -9.98 13.84
CA ASP A 392 11.59 -9.49 13.00
C ASP A 392 11.77 -10.24 11.71
N ILE A 393 11.70 -11.59 11.75
CA ILE A 393 11.82 -12.40 10.52
C ILE A 393 10.76 -11.97 9.52
N VAL A 394 9.53 -11.82 9.96
CA VAL A 394 8.45 -11.57 9.01
C VAL A 394 8.61 -10.17 8.44
N GLY A 395 8.83 -9.19 9.36
CA GLY A 395 9.08 -7.79 9.03
C GLY A 395 10.28 -7.58 8.10
N ASP A 396 11.43 -8.16 8.45
CA ASP A 396 12.61 -8.04 7.66
C ASP A 396 12.47 -8.62 6.27
N HIS A 397 12.06 -9.86 6.20
CA HIS A 397 11.97 -10.50 4.94
C HIS A 397 10.92 -9.87 3.99
N ASN A 398 9.74 -9.50 4.48
CA ASN A 398 8.66 -9.08 3.65
C ASN A 398 8.58 -7.60 3.39
N VAL A 399 9.15 -6.78 4.24
CA VAL A 399 8.96 -5.32 4.15
C VAL A 399 10.29 -4.57 4.21
N ILE A 400 10.98 -4.62 5.38
CA ILE A 400 12.15 -3.78 5.60
C ILE A 400 13.29 -4.06 4.66
N CYS A 401 13.68 -5.33 4.50
CA CYS A 401 14.81 -5.63 3.60
C CYS A 401 14.53 -5.45 2.07
N PRO A 402 13.37 -5.90 1.55
CA PRO A 402 13.13 -5.47 0.19
C PRO A 402 13.06 -3.94 0.07
N LEU A 403 12.44 -3.21 1.01
CA LEU A 403 12.51 -1.73 0.91
C LEU A 403 13.96 -1.20 0.89
N MET A 404 14.83 -1.78 1.71
CA MET A 404 16.21 -1.30 1.77
C MET A 404 16.95 -1.60 0.47
N HIS A 405 16.59 -2.69 -0.17
CA HIS A 405 17.23 -3.05 -1.45
C HIS A 405 16.73 -2.02 -2.49
N PHE A 406 15.47 -1.69 -2.40
CA PHE A 406 14.91 -0.75 -3.36
C PHE A 406 15.61 0.61 -3.18
N VAL A 407 15.69 1.05 -1.92
CA VAL A 407 16.22 2.32 -1.58
C VAL A 407 17.65 2.46 -2.03
N ASN A 408 18.47 1.42 -1.81
CA ASN A 408 19.87 1.45 -2.29
C ASN A 408 19.96 1.41 -3.83
N LYS A 409 19.12 0.63 -4.51
CA LYS A 409 19.17 0.63 -5.95
C LYS A 409 18.69 1.98 -6.58
N TYR A 410 17.69 2.58 -5.96
CA TYR A 410 17.02 3.74 -6.50
C TYR A 410 17.95 4.93 -6.36
N THR A 411 18.53 5.06 -5.19
CA THR A 411 19.36 6.19 -4.83
C THR A 411 20.55 6.44 -5.73
N LYS A 412 21.01 5.38 -6.37
CA LYS A 412 22.09 5.50 -7.34
C LYS A 412 21.72 6.34 -8.55
N PHE A 413 20.48 6.27 -9.05
CA PHE A 413 20.05 7.00 -10.23
C PHE A 413 19.13 8.14 -9.90
N GLY A 414 18.55 8.17 -8.70
CA GLY A 414 17.50 9.11 -8.44
C GLY A 414 17.96 10.48 -8.07
N ASN A 415 16.97 11.33 -7.76
CA ASN A 415 17.24 12.78 -7.48
C ASN A 415 16.99 13.25 -6.05
N GLY A 416 16.90 12.30 -5.12
CA GLY A 416 16.84 12.66 -3.68
C GLY A 416 15.95 11.67 -2.92
N THR A 417 16.50 11.03 -1.90
CA THR A 417 15.85 9.98 -1.13
C THR A 417 15.84 10.44 0.32
N TYR A 418 14.67 10.37 0.96
CA TYR A 418 14.47 10.59 2.37
C TYR A 418 13.89 9.30 2.99
N LEU A 419 14.57 8.78 4.02
CA LEU A 419 14.25 7.49 4.65
C LEU A 419 13.88 7.64 6.12
N TYR A 420 12.78 7.01 6.51
CA TYR A 420 12.32 7.01 7.91
C TYR A 420 12.10 5.64 8.55
N PHE A 421 12.13 5.64 9.87
CA PHE A 421 11.80 4.50 10.69
C PHE A 421 10.82 4.91 11.76
N PHE A 422 9.54 4.54 11.53
CA PHE A 422 8.46 4.92 12.42
C PHE A 422 8.37 3.93 13.58
N ASN A 423 8.66 4.40 14.80
CA ASN A 423 8.67 3.51 15.94
C ASN A 423 7.93 4.08 17.11
N HIS A 424 6.88 4.85 16.85
CA HIS A 424 6.02 5.28 17.92
C HIS A 424 4.78 4.37 18.07
N ARG A 425 4.66 3.84 19.25
CA ARG A 425 3.50 3.11 19.67
C ARG A 425 2.42 4.03 20.25
N ALA A 426 1.30 4.15 19.57
CA ALA A 426 0.25 5.05 19.99
C ALA A 426 -0.36 4.70 21.32
N SER A 427 -0.62 5.76 22.09
CA SER A 427 -1.04 5.66 23.49
C SER A 427 -2.42 5.02 23.60
N ASN A 428 -3.23 5.11 22.56
CA ASN A 428 -4.54 4.60 22.59
C ASN A 428 -4.67 3.31 21.73
N LEU A 429 -3.57 2.61 21.46
CA LEU A 429 -3.65 1.45 20.57
C LEU A 429 -4.51 0.37 21.14
N VAL A 430 -5.44 -0.20 20.40
CA VAL A 430 -6.33 -1.21 20.98
C VAL A 430 -5.73 -2.63 20.88
N TRP A 431 -4.67 -2.82 20.08
CA TRP A 431 -4.02 -4.13 19.90
C TRP A 431 -3.10 -4.35 21.09
N PRO A 432 -2.76 -5.61 21.40
CA PRO A 432 -1.89 -5.86 22.53
C PRO A 432 -0.45 -5.32 22.35
N GLU A 433 0.20 -5.10 23.47
CA GLU A 433 1.59 -4.64 23.52
C GLU A 433 2.61 -5.44 22.77
N TRP A 434 2.47 -6.76 22.76
CA TRP A 434 3.46 -7.58 22.06
C TRP A 434 3.62 -7.23 20.54
N MET A 435 2.52 -6.82 19.93
CA MET A 435 2.52 -6.45 18.51
C MET A 435 3.29 -5.18 18.16
N GLY A 436 3.60 -4.34 19.18
CA GLY A 436 4.48 -3.19 19.03
C GLY A 436 3.87 -2.10 18.09
N VAL A 437 4.69 -1.67 17.15
CA VAL A 437 4.34 -0.63 16.20
C VAL A 437 4.02 -1.33 14.90
N ILE A 438 2.73 -1.52 14.73
CA ILE A 438 2.09 -2.43 13.84
C ILE A 438 2.03 -1.89 12.41
N HIS A 439 2.16 -2.80 11.44
CA HIS A 439 1.89 -2.55 10.04
C HIS A 439 0.59 -1.73 9.88
N GLY A 440 0.73 -0.52 9.34
CA GLY A 440 -0.42 0.31 9.06
C GLY A 440 -0.68 1.42 10.06
N TYR A 441 0.02 1.39 11.18
CA TYR A 441 -0.30 2.28 12.28
C TYR A 441 0.42 3.63 12.24
N GLU A 442 1.25 3.86 11.18
CA GLU A 442 1.68 5.23 10.89
C GLU A 442 0.62 6.01 10.08
N ILE A 443 -0.30 5.32 9.45
CA ILE A 443 -1.21 5.94 8.52
C ILE A 443 -2.08 7.00 9.27
N GLU A 444 -2.61 6.62 10.43
CA GLU A 444 -3.36 7.59 11.23
C GLU A 444 -2.58 8.87 11.56
N PHE A 445 -1.25 8.79 11.67
CA PHE A 445 -0.49 9.97 11.90
C PHE A 445 -0.32 10.82 10.60
N VAL A 446 -0.07 10.15 9.49
CA VAL A 446 0.07 10.77 8.17
C VAL A 446 -1.25 11.50 7.81
N PHE A 447 -2.38 10.93 8.18
CA PHE A 447 -3.69 11.56 7.84
C PHE A 447 -4.24 12.48 8.93
N GLY A 448 -3.45 12.74 9.96
CA GLY A 448 -3.86 13.71 10.94
C GLY A 448 -4.93 13.34 11.96
N LEU A 449 -5.25 12.06 12.15
CA LEU A 449 -6.27 11.65 13.18
C LEU A 449 -5.99 12.19 14.62
N PRO A 450 -4.73 12.28 15.04
CA PRO A 450 -4.43 12.79 16.35
C PRO A 450 -4.75 14.26 16.59
N LEU A 451 -5.11 15.00 15.57
CA LEU A 451 -5.55 16.36 15.72
C LEU A 451 -6.98 16.41 16.24
N VAL A 452 -7.68 15.29 16.16
CA VAL A 452 -9.07 15.16 16.54
C VAL A 452 -9.14 14.71 18.03
N LYS A 453 -9.63 15.64 18.84
CA LYS A 453 -9.59 15.54 20.31
C LYS A 453 -10.25 14.27 20.86
N GLU A 454 -11.47 14.01 20.42
CA GLU A 454 -12.26 12.88 20.76
C GLU A 454 -11.61 11.50 20.48
N LEU A 455 -10.58 11.47 19.65
CA LEU A 455 -9.96 10.19 19.35
C LEU A 455 -8.97 9.81 20.41
N ASN A 456 -8.70 10.71 21.35
CA ASN A 456 -8.02 10.31 22.58
C ASN A 456 -6.52 10.11 22.36
N TYR A 457 -5.88 10.86 21.45
CA TYR A 457 -4.41 10.85 21.43
C TYR A 457 -3.82 11.85 22.41
N THR A 458 -2.56 11.72 22.76
CA THR A 458 -1.91 12.75 23.56
C THR A 458 -1.56 14.02 22.77
N ALA A 459 -1.25 15.09 23.51
CA ALA A 459 -0.70 16.31 22.90
C ALA A 459 0.62 16.07 22.13
N GLU A 460 1.47 15.21 22.64
CA GLU A 460 2.72 14.91 21.93
C GLU A 460 2.46 14.10 20.64
N GLU A 461 1.37 13.34 20.62
CA GLU A 461 0.96 12.61 19.42
C GLU A 461 0.36 13.51 18.36
N GLU A 462 -0.44 14.50 18.78
CA GLU A 462 -0.84 15.59 17.94
C GLU A 462 0.36 16.31 17.34
N ALA A 463 1.35 16.72 18.15
CA ALA A 463 2.56 17.28 17.57
C ALA A 463 3.24 16.37 16.55
N LEU A 464 3.33 15.08 16.85
CA LEU A 464 3.97 14.16 15.93
C LEU A 464 3.23 14.11 14.59
N SER A 465 1.92 14.00 14.66
CA SER A 465 1.10 13.98 13.48
C SER A 465 1.33 15.24 12.64
N ARG A 466 1.30 16.41 13.29
CA ARG A 466 1.52 17.66 12.56
C ARG A 466 2.86 17.71 11.92
N ARG A 467 3.89 17.23 12.62
CA ARG A 467 5.21 17.21 12.02
C ARG A 467 5.27 16.29 10.80
N ILE A 468 4.65 15.12 10.90
CA ILE A 468 4.67 14.15 9.80
C ILE A 468 3.92 14.68 8.60
N MET A 469 2.72 15.16 8.84
CA MET A 469 1.90 15.70 7.78
C MET A 469 2.68 16.82 7.02
N HIS A 470 3.42 17.64 7.81
CA HIS A 470 4.17 18.73 7.25
C HIS A 470 5.42 18.23 6.53
N TYR A 471 6.07 17.18 7.02
CA TYR A 471 7.09 16.55 6.20
C TYR A 471 6.52 16.06 4.90
N TRP A 472 5.45 15.26 4.96
CA TRP A 472 4.88 14.66 3.78
C TRP A 472 4.48 15.76 2.72
N ALA A 473 3.72 16.78 3.15
CA ALA A 473 3.23 17.84 2.24
C ALA A 473 4.32 18.76 1.73
N THR A 474 5.33 19.07 2.53
CA THR A 474 6.48 19.87 2.11
C THR A 474 7.32 19.09 1.14
N PHE A 475 7.45 17.80 1.39
CA PHE A 475 8.11 16.98 0.39
C PHE A 475 7.31 16.95 -0.92
N ALA A 476 6.00 16.76 -0.85
CA ALA A 476 5.20 16.68 -2.07
C ALA A 476 5.32 18.01 -2.92
N LYS A 477 5.43 19.10 -2.20
CA LYS A 477 5.53 20.44 -2.77
C LYS A 477 6.89 20.73 -3.35
N THR A 478 7.99 20.32 -2.70
CA THR A 478 9.30 20.79 -3.01
C THR A 478 10.29 19.68 -3.37
N GLY A 479 10.05 18.39 -3.01
CA GLY A 479 11.01 17.32 -3.20
C GLY A 479 11.91 17.21 -2.01
N ASN A 480 11.55 17.92 -0.94
CA ASN A 480 12.40 17.94 0.27
C ASN A 480 11.49 18.15 1.46
N PRO A 481 11.49 17.24 2.47
CA PRO A 481 10.56 17.34 3.59
C PRO A 481 10.80 18.52 4.55
N ASN A 482 12.01 19.01 4.50
CA ASN A 482 12.48 20.10 5.33
C ASN A 482 12.10 21.48 4.77
N GLU A 483 11.74 22.32 5.70
CA GLU A 483 11.32 23.68 5.50
C GLU A 483 12.62 24.48 5.23
N PRO A 484 12.68 25.16 4.11
CA PRO A 484 13.80 26.04 3.82
C PRO A 484 14.11 26.99 4.99
N HIS A 485 15.34 26.96 5.49
CA HIS A 485 15.73 27.91 6.50
C HIS A 485 14.94 27.86 7.80
N SER A 486 14.26 26.77 8.11
CA SER A 486 13.62 26.66 9.43
C SER A 486 14.68 26.51 10.53
N GLN A 487 14.22 26.56 11.78
CA GLN A 487 15.07 26.28 12.97
C GLN A 487 15.04 24.79 13.40
N GLU A 488 14.06 24.05 12.89
CA GLU A 488 13.82 22.69 13.36
C GLU A 488 14.92 21.80 12.84
N SER A 489 15.09 20.64 13.46
CA SER A 489 16.15 19.70 13.04
C SER A 489 15.79 19.16 11.66
N LYS A 490 16.84 18.90 10.92
CA LYS A 490 16.79 18.60 9.53
C LYS A 490 16.84 17.09 9.31
N TRP A 491 15.87 16.60 8.56
CA TRP A 491 15.92 15.27 8.03
C TRP A 491 16.90 15.18 6.90
N PRO A 492 18.01 14.47 7.11
CA PRO A 492 18.95 14.53 6.03
C PRO A 492 18.60 13.55 4.92
N LEU A 493 19.18 13.83 3.79
CA LEU A 493 19.09 13.05 2.60
C LEU A 493 19.78 11.70 2.77
N PHE A 494 19.13 10.64 2.33
CA PHE A 494 19.74 9.35 2.38
C PHE A 494 20.66 9.36 1.15
N THR A 495 21.93 9.06 1.34
CA THR A 495 22.86 8.93 0.23
C THR A 495 23.48 7.56 0.24
N THR A 496 23.94 7.14 -0.94
CA THR A 496 24.63 5.86 -1.13
C THR A 496 25.75 5.64 -0.15
N LYS A 497 26.53 6.68 0.10
CA LYS A 497 27.67 6.55 1.00
C LYS A 497 27.29 6.47 2.46
N GLU A 498 26.44 7.37 2.93
CA GLU A 498 26.20 7.47 4.34
C GLU A 498 24.88 6.86 4.85
N GLN A 499 23.94 6.65 3.95
CA GLN A 499 22.70 5.80 4.23
C GLN A 499 21.97 6.22 5.48
N LYS A 500 21.82 7.54 5.64
CA LYS A 500 21.14 8.09 6.78
C LYS A 500 19.62 8.04 6.74
N PHE A 501 19.05 7.95 7.91
CA PHE A 501 17.60 7.99 8.10
C PHE A 501 17.31 8.55 9.43
N ILE A 502 16.06 8.92 9.64
CA ILE A 502 15.62 9.36 10.93
C ILE A 502 14.54 8.43 11.54
N ASP A 503 14.43 8.45 12.87
CA ASP A 503 13.30 7.87 13.50
C ASP A 503 12.19 8.86 13.46
N LEU A 504 10.98 8.34 13.48
CA LEU A 504 9.84 9.17 13.66
C LEU A 504 9.09 8.76 14.90
N ASN A 505 9.13 9.64 15.91
CA ASN A 505 8.47 9.38 17.18
C ASN A 505 8.37 10.68 17.94
N THR A 506 7.93 10.65 19.20
CA THR A 506 7.66 11.89 19.91
C THR A 506 8.92 12.46 20.59
N GLU A 507 10.06 11.80 20.46
CA GLU A 507 11.32 12.24 21.07
C GLU A 507 12.11 13.10 20.08
N PRO A 508 13.14 13.84 20.53
CA PRO A 508 13.87 14.67 19.57
C PRO A 508 14.47 13.83 18.49
N MET A 509 14.61 14.41 17.31
CA MET A 509 15.05 13.70 16.15
C MET A 509 16.39 13.07 16.36
N LYS A 510 16.53 11.89 15.83
CA LYS A 510 17.79 11.16 15.89
C LYS A 510 17.99 10.68 14.47
N VAL A 511 19.23 10.83 14.00
CA VAL A 511 19.66 10.38 12.72
C VAL A 511 20.47 9.11 12.94
N HIS A 512 20.24 8.08 12.11
CA HIS A 512 20.97 6.81 12.18
C HIS A 512 21.48 6.47 10.82
N GLN A 513 22.22 5.39 10.71
CA GLN A 513 22.73 4.94 9.44
C GLN A 513 22.53 3.45 9.23
N ARG A 514 22.33 3.06 7.99
CA ARG A 514 22.35 1.65 7.58
C ARG A 514 21.25 0.82 8.27
N LEU A 515 20.01 1.15 7.93
CA LEU A 515 18.79 0.58 8.57
C LEU A 515 18.81 -0.94 8.41
N ARG A 516 18.80 -1.63 9.55
CA ARG A 516 18.84 -3.09 9.66
C ARG A 516 19.80 -3.74 8.69
N VAL A 517 20.97 -3.18 8.54
CA VAL A 517 21.90 -3.61 7.55
C VAL A 517 22.31 -5.07 7.71
N GLN A 518 22.55 -5.50 8.93
CA GLN A 518 23.09 -6.86 9.19
C GLN A 518 22.06 -7.92 8.68
N MET A 519 20.83 -7.77 9.09
CA MET A 519 19.77 -8.67 8.62
C MET A 519 19.55 -8.51 7.12
N CYS A 520 19.66 -7.29 6.59
CA CYS A 520 19.31 -7.11 5.16
C CYS A 520 20.37 -7.69 4.25
N VAL A 521 21.63 -7.73 4.71
CA VAL A 521 22.63 -8.50 3.96
C VAL A 521 22.25 -9.99 3.91
N PHE A 522 21.70 -10.53 4.98
CA PHE A 522 21.20 -11.89 4.98
C PHE A 522 20.06 -12.13 3.99
N TRP A 523 19.01 -11.33 4.08
CA TRP A 523 17.85 -11.48 3.23
C TRP A 523 18.11 -11.12 1.81
N ASN A 524 18.88 -10.06 1.58
CA ASN A 524 19.08 -9.56 0.23
C ASN A 524 20.22 -10.20 -0.50
N GLN A 525 21.24 -10.71 0.17
CA GLN A 525 22.38 -11.27 -0.56
C GLN A 525 22.63 -12.72 -0.23
N PHE A 526 22.74 -13.06 1.05
CA PHE A 526 23.16 -14.44 1.35
C PHE A 526 22.06 -15.45 1.11
N LEU A 527 20.88 -15.22 1.68
CA LEU A 527 19.87 -16.26 1.54
C LEU A 527 19.49 -16.57 0.07
N PRO A 528 19.27 -15.55 -0.74
CA PRO A 528 18.94 -15.85 -2.19
C PRO A 528 20.06 -16.61 -2.88
N LYS A 529 21.30 -16.35 -2.47
CA LYS A 529 22.43 -17.12 -3.02
C LYS A 529 22.38 -18.55 -2.52
N LEU A 530 22.07 -18.74 -1.25
CA LEU A 530 21.96 -20.07 -0.72
C LEU A 530 20.85 -20.87 -1.42
N LEU A 531 19.70 -20.24 -1.60
CA LEU A 531 18.58 -20.96 -2.21
C LEU A 531 18.84 -21.22 -3.70
N ASN A 532 19.50 -20.31 -4.39
CA ASN A 532 19.89 -20.61 -5.77
C ASN A 532 20.92 -21.75 -5.96
N ALA A 533 21.74 -22.00 -4.96
CA ALA A 533 22.85 -22.91 -5.14
C ALA A 533 22.33 -24.28 -4.88
N THR A 534 21.60 -24.39 -3.76
CA THR A 534 20.79 -25.57 -3.41
C THR A 534 19.40 -25.50 -4.07
C1 NAG B . 18.74 16.73 -8.52
C2 NAG B . 20.11 16.73 -7.86
C3 NAG B . 20.77 18.11 -7.91
C4 NAG B . 20.67 18.66 -9.32
C5 NAG B . 19.25 18.56 -9.90
C6 NAG B . 19.24 19.18 -11.32
C7 NAG B . 20.40 15.16 -6.02
C8 NAG B . 20.18 14.94 -4.54
N2 NAG B . 19.98 16.33 -6.46
O3 NAG B . 22.11 17.96 -7.44
O4 NAG B . 21.06 20.02 -9.33
O5 NAG B . 18.85 17.18 -9.90
O6 NAG B . 19.05 18.35 -12.45
O7 NAG B . 20.91 14.28 -6.76
C1 NAG B . 22.16 20.17 -10.25
C2 NAG B . 22.18 21.61 -10.76
C3 NAG B . 23.34 21.81 -11.74
C4 NAG B . 24.64 21.28 -11.17
C5 NAG B . 24.47 19.86 -10.63
C6 NAG B . 25.75 19.37 -9.99
C7 NAG B . 20.09 22.83 -10.89
C8 NAG B . 19.04 23.36 -11.82
N2 NAG B . 20.93 21.93 -11.41
O3 NAG B . 23.47 23.22 -12.03
O4 NAG B . 25.65 21.28 -12.19
O5 NAG B . 23.41 19.85 -9.67
O6 NAG B . 25.81 19.81 -8.64
O7 NAG B . 20.16 23.19 -9.73
C1 NAG C . -27.20 13.41 -3.71
C2 NAG C . -28.27 14.18 -2.96
C3 NAG C . -28.30 13.79 -1.49
C4 NAG C . -28.33 12.28 -1.33
C5 NAG C . -27.25 11.61 -2.17
C6 NAG C . -27.33 10.10 -2.07
C7 NAG C . -28.49 16.30 -4.14
C8 NAG C . -28.15 17.76 -4.15
N2 NAG C . -28.05 15.61 -3.08
O3 NAG C . -29.45 14.36 -0.86
O4 NAG C . -28.13 11.94 0.05
O5 NAG C . -27.41 12.01 -3.54
O6 NAG C . -27.60 9.72 -0.72
O7 NAG C . -29.12 15.77 -5.03
C1 NAG D . -12.13 7.68 24.27
C2 NAG D . -12.87 6.57 23.55
C3 NAG D . -14.18 6.07 24.21
C4 NAG D . -14.09 5.88 25.72
C5 NAG D . -13.51 7.18 26.24
C6 NAG D . -13.53 7.28 27.79
C7 NAG D . -12.66 6.71 21.17
C8 NAG D . -13.13 7.34 19.90
N2 NAG D . -13.23 7.12 22.28
O3 NAG D . -14.57 4.84 23.64
O4 NAG D . -15.33 5.49 26.35
O5 NAG D . -12.19 7.38 25.67
O6 NAG D . -12.97 6.11 28.34
O7 NAG D . -11.81 5.81 21.18
S10 03S E . 0.09 -4.95 2.48
O11 03S E . -0.30 -5.60 3.73
O12 03S E . -1.17 -4.28 2.12
C13 03S E . 0.61 -6.03 1.43
C1 AA7 F . -9.38 -15.26 1.69
C2 AA7 F . -8.46 -14.43 2.34
C3 AA7 F . -8.12 -13.18 1.84
C4 AA7 F . -8.40 -12.97 0.35
C5 AA7 F . -9.80 -13.46 0.04
C6 AA7 F . -9.99 -14.89 0.51
N7 AA7 F . -9.71 -16.42 2.18
C8 AA7 F . -9.22 -16.90 3.31
C9 AA7 F . -8.31 -16.14 4.03
C10 AA7 F . -7.93 -14.89 3.55
N11 AA7 F . -7.05 -14.16 4.24
C14 AA7 F . -7.78 -16.65 5.20
C15 AA7 F . -8.18 -17.91 5.60
C16 AA7 F . -9.09 -18.66 4.89
C17 AA7 F . -9.61 -18.15 3.72
C19 AA7 F . -6.79 -6.58 7.87
C20 AA7 F . -6.27 -7.79 7.09
C21 AA7 F . -7.38 -8.80 6.81
C22 AA7 F . -6.96 -10.23 7.23
C23 AA7 F . -7.52 -11.31 6.30
C24 AA7 F . -6.52 -12.43 5.97
C25 AA7 F . -7.26 -13.73 5.61
C26 AA7 F . -3.57 -4.22 9.76
C27 AA7 F . -4.72 -4.89 9.35
C28 AA7 F . -5.41 -5.72 10.22
C29 AA7 F . -5.09 -5.66 11.68
C30 AA7 F . -3.67 -5.31 11.98
C31 AA7 F . -3.05 -4.30 11.02
N32 AA7 F . -2.93 -3.45 8.93
C33 AA7 F . -3.28 -3.26 7.68
C34 AA7 F . -4.40 -3.89 7.19
C35 AA7 F . -5.11 -4.72 8.03
N36 AA7 F . -6.19 -5.31 7.53
C39 AA7 F . -4.77 -3.67 5.88
C40 AA7 F . -4.02 -2.84 5.08
C41 AA7 F . -2.89 -2.21 5.56
C42 AA7 F . -2.53 -2.42 6.88
#